data_1T62
#
_entry.id   1T62
#
_cell.length_a   88.250
_cell.length_b   88.250
_cell.length_c   106.001
_cell.angle_alpha   90.00
_cell.angle_beta   90.00
_cell.angle_gamma   120.00
#
_symmetry.space_group_name_H-M   'P 32 2 1'
#
_entity_poly.entity_id   1
_entity_poly.type   'polypeptide(L)'
_entity_poly.pdbx_seq_one_letter_code
;MLKNVEVFWQNFLDKHELDMLMPDVWMFGDGSSEMGNRLGQLVVSGRKTATCSSLDIYKMEEEQLPKAGQYDIILDGQSQ
PLAIIRTTKVEIMPMNKVSESFAQAEGEGDLTLDYWYEEHARFFKEELAPYQLQFYPDMLLVCQSFEVVDLYTEKEEGGS
HHHHHH
;
_entity_poly.pdbx_strand_id   A,B
#
# COMPACT_ATOMS: atom_id res chain seq x y z
N MET A 1 -4.18 5.90 7.19
CA MET A 1 -3.21 6.25 6.12
C MET A 1 -3.89 7.06 5.05
N LEU A 2 -5.07 6.62 4.63
CA LEU A 2 -5.85 7.34 3.63
C LEU A 2 -6.08 8.74 4.19
N LYS A 3 -6.38 8.83 5.49
CA LYS A 3 -6.60 10.12 6.13
C LYS A 3 -5.35 10.98 6.06
N ASN A 4 -4.22 10.40 6.45
CA ASN A 4 -2.93 11.12 6.44
C ASN A 4 -2.63 11.77 5.09
N VAL A 5 -2.77 10.97 4.03
CA VAL A 5 -2.51 11.45 2.68
C VAL A 5 -3.52 12.48 2.26
N GLU A 6 -4.78 12.28 2.62
CA GLU A 6 -5.79 13.25 2.26
C GLU A 6 -5.36 14.58 2.86
N VAL A 7 -4.96 14.55 4.12
CA VAL A 7 -4.51 15.76 4.82
C VAL A 7 -3.30 16.36 4.11
N PHE A 8 -2.26 15.57 4.00
CA PHE A 8 -1.02 15.97 3.35
C PHE A 8 -1.24 16.71 2.02
N TRP A 9 -2.11 16.16 1.18
CA TRP A 9 -2.42 16.74 -0.12
C TRP A 9 -3.13 18.06 0.07
N GLN A 10 -4.17 18.01 0.89
CA GLN A 10 -4.96 19.19 1.17
C GLN A 10 -4.08 20.31 1.65
N ASN A 11 -3.24 20.01 2.62
CA ASN A 11 -2.36 21.04 3.13
C ASN A 11 -1.55 21.63 2.00
N PHE A 12 -1.05 20.77 1.12
CA PHE A 12 -0.24 21.23 0.00
C PHE A 12 -1.06 22.08 -0.97
N LEU A 13 -2.30 21.69 -1.20
CA LEU A 13 -3.18 22.46 -2.08
C LEU A 13 -3.32 23.88 -1.53
N ASP A 14 -3.85 23.98 -0.31
CA ASP A 14 -4.04 25.27 0.36
C ASP A 14 -2.76 26.10 0.37
N LYS A 15 -1.67 25.46 0.77
CA LYS A 15 -0.36 26.09 0.82
C LYS A 15 -0.04 26.79 -0.50
N HIS A 16 -0.46 26.20 -1.62
CA HIS A 16 -0.17 26.79 -2.92
C HIS A 16 -1.44 27.28 -3.60
N GLU A 17 -2.53 27.26 -2.86
CA GLU A 17 -3.81 27.71 -3.38
C GLU A 17 -4.02 27.21 -4.79
N LEU A 18 -4.50 25.97 -4.92
CA LEU A 18 -4.77 25.36 -6.22
C LEU A 18 -5.58 24.07 -6.05
N ASP A 19 -6.60 23.89 -6.89
CA ASP A 19 -7.48 22.71 -6.83
C ASP A 19 -7.00 21.59 -7.73
N MET A 20 -6.81 20.41 -7.14
CA MET A 20 -6.34 19.24 -7.86
C MET A 20 -6.74 17.95 -7.16
N LEU A 21 -7.17 16.96 -7.93
CA LEU A 21 -7.50 15.67 -7.35
C LEU A 21 -6.18 15.08 -6.84
N MET A 22 -6.25 14.17 -5.87
CA MET A 22 -5.06 13.53 -5.33
C MET A 22 -4.33 12.77 -6.45
N PRO A 23 -3.00 12.81 -6.47
CA PRO A 23 -2.25 12.10 -7.52
C PRO A 23 -2.14 10.63 -7.15
N ASP A 24 -1.15 9.95 -7.71
CA ASP A 24 -0.99 8.54 -7.40
C ASP A 24 -0.15 8.44 -6.13
N VAL A 25 -0.28 7.34 -5.40
CA VAL A 25 0.51 7.18 -4.19
C VAL A 25 1.27 5.86 -4.25
N TRP A 26 2.58 5.93 -4.01
CA TRP A 26 3.40 4.74 -4.06
C TRP A 26 4.79 4.88 -3.45
N MET A 27 5.45 3.73 -3.30
CA MET A 27 6.79 3.65 -2.76
C MET A 27 7.71 3.08 -3.85
N PHE A 28 8.97 3.47 -3.82
CA PHE A 28 9.94 3.00 -4.80
C PHE A 28 10.34 1.60 -4.39
N GLY A 29 10.82 0.81 -5.34
CA GLY A 29 11.27 -0.52 -4.98
C GLY A 29 10.55 -1.75 -5.48
N ASP A 30 11.16 -2.89 -5.18
CA ASP A 30 10.67 -4.20 -5.54
C ASP A 30 9.30 -4.39 -4.90
N GLY A 31 9.12 -3.78 -3.73
CA GLY A 31 7.87 -3.90 -3.01
C GLY A 31 8.22 -4.16 -1.56
N SER A 32 9.45 -4.58 -1.34
CA SER A 32 9.94 -4.85 0.01
C SER A 32 10.01 -3.52 0.74
N SER A 33 9.81 -3.56 2.04
CA SER A 33 9.86 -2.34 2.83
C SER A 33 11.27 -1.76 2.86
N GLU A 34 12.27 -2.63 2.78
CA GLU A 34 13.65 -2.19 2.82
C GLU A 34 13.94 -1.26 1.66
N MET A 35 13.79 -1.77 0.45
CA MET A 35 14.03 -0.99 -0.75
C MET A 35 13.20 0.28 -0.72
N GLY A 36 11.97 0.18 -0.21
CA GLY A 36 11.10 1.34 -0.14
C GLY A 36 11.64 2.42 0.78
N ASN A 37 12.14 1.99 1.93
CA ASN A 37 12.69 2.91 2.89
C ASN A 37 14.00 3.53 2.39
N ARG A 38 14.89 2.67 1.89
CA ARG A 38 16.20 3.11 1.37
C ARG A 38 16.01 4.09 0.21
N LEU A 39 15.27 3.67 -0.80
CA LEU A 39 15.00 4.54 -1.95
C LEU A 39 14.19 5.74 -1.54
N GLY A 40 13.28 5.55 -0.58
CA GLY A 40 12.45 6.64 -0.12
C GLY A 40 13.32 7.71 0.53
N GLN A 41 14.34 7.26 1.26
CA GLN A 41 15.25 8.17 1.93
C GLN A 41 16.10 8.96 0.95
N LEU A 42 16.70 8.28 0.00
CA LEU A 42 17.52 8.96 -1.00
C LEU A 42 16.74 10.08 -1.68
N VAL A 43 15.43 9.88 -1.84
CA VAL A 43 14.58 10.88 -2.47
C VAL A 43 14.37 12.09 -1.59
N VAL A 44 13.93 11.85 -0.37
CA VAL A 44 13.72 12.93 0.58
C VAL A 44 15.04 13.69 0.74
N SER A 45 16.14 12.96 0.64
CA SER A 45 17.49 13.51 0.77
C SER A 45 17.87 14.40 -0.39
N GLY A 46 17.29 14.15 -1.55
CA GLY A 46 17.61 14.94 -2.72
C GLY A 46 18.71 14.30 -3.54
N ARG A 47 19.15 13.11 -3.13
CA ARG A 47 20.20 12.38 -3.85
C ARG A 47 19.62 11.65 -5.06
N LYS A 48 18.38 11.20 -4.92
CA LYS A 48 17.69 10.47 -5.98
C LYS A 48 16.60 11.35 -6.59
N THR A 49 16.83 11.81 -7.82
CA THR A 49 15.88 12.68 -8.50
C THR A 49 15.32 12.11 -9.80
N ALA A 50 15.28 10.79 -9.91
CA ALA A 50 14.73 10.16 -11.11
C ALA A 50 14.25 8.76 -10.78
N THR A 51 13.37 8.24 -11.63
CA THR A 51 12.83 6.90 -11.45
C THR A 51 12.44 6.35 -12.80
N CYS A 52 12.48 5.02 -12.94
CA CYS A 52 12.11 4.39 -14.20
C CYS A 52 11.13 3.25 -13.96
N SER A 53 10.23 3.04 -14.92
CA SER A 53 9.24 1.98 -14.85
C SER A 53 9.19 1.27 -16.19
N SER A 54 8.69 0.05 -16.21
CA SER A 54 8.63 -0.68 -17.46
C SER A 54 7.57 -0.07 -18.35
N LEU A 55 7.96 0.27 -19.57
CA LEU A 55 7.04 0.86 -20.54
C LEU A 55 6.04 -0.17 -21.05
N ASP A 56 6.54 -1.30 -21.54
CA ASP A 56 5.69 -2.36 -22.07
C ASP A 56 4.51 -2.73 -21.18
N ILE A 57 4.72 -2.67 -19.87
CA ILE A 57 3.70 -3.00 -18.89
C ILE A 57 2.49 -2.04 -18.95
N TYR A 58 2.69 -0.85 -19.50
CA TYR A 58 1.60 0.14 -19.64
C TYR A 58 0.63 -0.32 -20.72
N LYS A 59 -0.66 -0.09 -20.52
CA LYS A 59 -1.67 -0.47 -21.50
C LYS A 59 -1.96 0.70 -22.44
N MET A 60 -1.18 0.77 -23.52
CA MET A 60 -1.27 1.83 -24.53
C MET A 60 -2.63 2.37 -24.94
N GLU A 61 -3.69 1.58 -24.83
CA GLU A 61 -4.99 2.07 -25.23
C GLU A 61 -5.91 2.42 -24.07
N GLU A 62 -5.56 1.98 -22.86
CA GLU A 62 -6.36 2.22 -21.68
C GLU A 62 -5.89 3.36 -20.79
N GLU A 63 -4.61 3.74 -20.92
CA GLU A 63 -4.03 4.80 -20.09
C GLU A 63 -2.94 5.54 -20.86
N GLN A 64 -2.48 6.66 -20.32
CA GLN A 64 -1.41 7.43 -20.97
C GLN A 64 -0.17 7.36 -20.08
N LEU A 65 0.98 7.74 -20.61
CA LEU A 65 2.21 7.68 -19.82
C LEU A 65 2.42 8.95 -19.00
N PRO A 66 3.17 8.82 -17.89
CA PRO A 66 3.44 9.97 -17.03
C PRO A 66 4.00 11.15 -17.84
N LYS A 67 3.45 12.33 -17.58
CA LYS A 67 3.84 13.55 -18.29
C LYS A 67 4.54 14.53 -17.36
N ALA A 68 5.31 15.43 -17.96
CA ALA A 68 6.02 16.47 -17.21
C ALA A 68 4.97 17.33 -16.54
N GLY A 69 5.23 17.74 -15.30
CA GLY A 69 4.30 18.58 -14.58
C GLY A 69 3.36 17.82 -13.67
N GLN A 70 3.30 16.49 -13.76
CA GLN A 70 2.36 15.76 -12.89
C GLN A 70 2.93 15.49 -11.50
N TYR A 71 2.04 15.18 -10.57
CA TYR A 71 2.43 14.90 -9.20
C TYR A 71 2.21 13.48 -8.73
N ASP A 72 3.01 13.07 -7.76
CA ASP A 72 2.90 11.74 -7.20
C ASP A 72 3.21 11.86 -5.73
N ILE A 73 2.55 11.07 -4.90
CA ILE A 73 2.80 11.08 -3.46
C ILE A 73 3.65 9.85 -3.12
N ILE A 74 4.77 10.09 -2.43
CA ILE A 74 5.70 9.04 -2.06
C ILE A 74 5.53 8.56 -0.62
N LEU A 75 5.55 7.24 -0.47
CA LEU A 75 5.39 6.56 0.82
C LEU A 75 6.64 5.75 1.08
N ASP A 76 6.87 5.37 2.33
CA ASP A 76 8.05 4.56 2.66
C ASP A 76 7.72 3.08 2.60
N GLY A 77 8.71 2.25 2.91
CA GLY A 77 8.50 0.81 2.89
C GLY A 77 7.38 0.37 3.79
N GLN A 78 7.03 1.22 4.76
CA GLN A 78 5.96 0.93 5.71
C GLN A 78 4.66 1.59 5.27
N SER A 79 4.68 2.12 4.05
CA SER A 79 3.53 2.78 3.46
C SER A 79 3.09 4.09 4.09
N GLN A 80 4.05 4.88 4.58
CA GLN A 80 3.74 6.19 5.19
C GLN A 80 4.21 7.31 4.25
N PRO A 81 3.41 8.37 4.13
CA PRO A 81 3.77 9.48 3.26
C PRO A 81 5.14 10.06 3.57
N LEU A 82 5.95 10.24 2.53
CA LEU A 82 7.29 10.80 2.67
C LEU A 82 7.33 12.17 2.08
N ALA A 83 6.76 12.30 0.89
CA ALA A 83 6.77 13.57 0.19
C ALA A 83 5.95 13.50 -1.08
N ILE A 84 5.81 14.64 -1.73
CA ILE A 84 5.13 14.72 -3.01
C ILE A 84 6.18 15.27 -3.95
N ILE A 85 6.23 14.74 -5.16
CA ILE A 85 7.21 15.18 -6.14
C ILE A 85 6.53 15.64 -7.41
N ARG A 86 7.21 16.51 -8.15
CA ARG A 86 6.68 16.97 -9.42
C ARG A 86 7.63 16.48 -10.49
N THR A 87 7.07 15.89 -11.54
CA THR A 87 7.87 15.35 -12.64
C THR A 87 8.22 16.43 -13.65
N THR A 88 9.52 16.66 -13.81
CA THR A 88 10.01 17.69 -14.71
C THR A 88 10.34 17.21 -16.14
N LYS A 89 10.25 15.91 -16.36
CA LYS A 89 10.53 15.36 -17.69
C LYS A 89 10.25 13.87 -17.75
N VAL A 90 10.04 13.36 -18.96
CA VAL A 90 9.79 11.93 -19.16
C VAL A 90 10.47 11.54 -20.47
N GLU A 91 11.43 10.63 -20.36
CA GLU A 91 12.14 10.19 -21.54
C GLU A 91 12.08 8.68 -21.62
N ILE A 92 11.87 8.13 -22.82
CA ILE A 92 11.83 6.68 -23.02
C ILE A 92 13.26 6.24 -23.31
N MET A 93 13.68 5.16 -22.68
CA MET A 93 15.03 4.63 -22.88
C MET A 93 15.14 3.13 -22.73
N PRO A 94 15.97 2.50 -23.58
CA PRO A 94 16.17 1.06 -23.52
C PRO A 94 17.13 0.81 -22.37
N MET A 95 16.96 -0.28 -21.64
CA MET A 95 17.85 -0.57 -20.51
C MET A 95 19.31 -0.47 -20.92
N ASN A 96 19.62 -1.10 -22.04
CA ASN A 96 20.98 -1.09 -22.57
C ASN A 96 21.32 0.22 -23.27
N LYS A 97 20.90 1.34 -22.73
CA LYS A 97 21.19 2.62 -23.39
C LYS A 97 20.92 3.79 -22.45
N VAL A 98 20.77 3.50 -21.17
CA VAL A 98 20.53 4.56 -20.23
C VAL A 98 21.79 5.40 -20.12
N SER A 99 21.65 6.72 -20.14
CA SER A 99 22.80 7.61 -20.04
C SER A 99 23.26 7.63 -18.59
N GLU A 100 24.58 7.64 -18.35
CA GLU A 100 25.09 7.65 -16.98
C GLU A 100 24.53 8.92 -16.31
N SER A 101 24.00 9.80 -17.15
CA SER A 101 23.39 11.05 -16.69
C SER A 101 22.11 10.73 -15.90
N PHE A 102 21.28 9.86 -16.46
CA PHE A 102 20.04 9.47 -15.80
C PHE A 102 20.39 8.49 -14.68
N ALA A 103 21.27 7.56 -15.00
CA ALA A 103 21.69 6.54 -14.05
C ALA A 103 22.13 7.11 -12.70
N GLN A 104 22.86 8.22 -12.72
CA GLN A 104 23.32 8.81 -11.47
C GLN A 104 22.17 9.54 -10.77
N ALA A 105 21.28 10.11 -11.57
CA ALA A 105 20.13 10.84 -11.07
C ALA A 105 19.18 9.96 -10.29
N GLU A 106 19.10 8.68 -10.66
CA GLU A 106 18.19 7.77 -9.97
C GLU A 106 18.94 6.70 -9.17
N GLY A 107 20.14 6.36 -9.60
CA GLY A 107 20.96 5.36 -8.92
C GLY A 107 21.63 5.90 -7.68
N LEU A 113 29.68 2.60 -12.66
CA LEU A 113 28.38 2.06 -12.27
C LEU A 113 27.84 1.15 -13.38
N ASP A 114 28.66 0.17 -13.75
CA ASP A 114 28.31 -0.79 -14.80
C ASP A 114 27.31 -1.85 -14.30
N TYR A 115 27.13 -1.92 -12.99
CA TYR A 115 26.20 -2.87 -12.36
C TYR A 115 24.76 -2.43 -12.60
N TRP A 116 24.60 -1.13 -12.84
CA TRP A 116 23.28 -0.52 -13.07
C TRP A 116 22.38 -1.42 -13.90
N TYR A 117 22.86 -1.80 -15.09
CA TYR A 117 22.07 -2.65 -15.98
C TYR A 117 21.81 -3.99 -15.31
N GLU A 118 22.88 -4.59 -14.81
CA GLU A 118 22.81 -5.88 -14.14
C GLU A 118 21.68 -5.88 -13.12
N GLU A 119 21.72 -4.94 -12.20
CA GLU A 119 20.71 -4.82 -11.16
C GLU A 119 19.32 -4.51 -11.71
N HIS A 120 19.22 -3.57 -12.65
CA HIS A 120 17.91 -3.24 -13.21
C HIS A 120 17.31 -4.38 -14.03
N ALA A 121 18.16 -5.15 -14.72
CA ALA A 121 17.66 -6.27 -15.52
C ALA A 121 17.05 -7.29 -14.57
N ARG A 122 17.68 -7.42 -13.41
CA ARG A 122 17.25 -8.34 -12.37
C ARG A 122 15.91 -7.81 -11.81
N PHE A 123 15.85 -6.51 -11.60
CA PHE A 123 14.65 -5.85 -11.07
C PHE A 123 13.43 -6.06 -11.97
N PHE A 124 13.57 -5.66 -13.23
CA PHE A 124 12.47 -5.76 -14.20
C PHE A 124 12.18 -7.17 -14.72
N LYS A 125 13.20 -8.00 -14.83
CA LYS A 125 13.00 -9.35 -15.32
C LYS A 125 12.03 -10.05 -14.38
N GLU A 126 11.96 -9.56 -13.15
CA GLU A 126 11.05 -10.11 -12.14
C GLU A 126 9.66 -9.48 -12.23
N GLU A 127 9.60 -8.16 -12.33
CA GLU A 127 8.31 -7.50 -12.43
C GLU A 127 7.52 -8.06 -13.60
N LEU A 128 8.22 -8.36 -14.69
CA LEU A 128 7.57 -8.92 -15.87
C LEU A 128 7.08 -10.33 -15.64
N ALA A 129 7.85 -11.10 -14.87
CA ALA A 129 7.52 -12.50 -14.57
C ALA A 129 6.03 -12.81 -14.43
N PRO A 130 5.34 -12.18 -13.47
CA PRO A 130 3.91 -12.43 -13.29
C PRO A 130 3.01 -12.21 -14.53
N TYR A 131 3.49 -11.42 -15.48
CA TYR A 131 2.71 -11.18 -16.69
C TYR A 131 3.37 -12.01 -17.80
N GLN A 132 3.30 -11.51 -19.03
CA GLN A 132 3.95 -12.18 -20.16
C GLN A 132 5.31 -11.50 -20.19
N LEU A 133 6.16 -11.91 -19.25
CA LEU A 133 7.50 -11.35 -19.09
C LEU A 133 8.41 -11.43 -20.31
N GLN A 134 7.98 -10.86 -21.42
CA GLN A 134 8.80 -10.87 -22.62
C GLN A 134 10.04 -10.00 -22.32
N PHE A 135 11.03 -10.57 -21.63
CA PHE A 135 12.23 -9.84 -21.30
C PHE A 135 13.24 -9.76 -22.45
N TYR A 136 13.83 -8.58 -22.60
CA TYR A 136 14.83 -8.31 -23.62
C TYR A 136 15.75 -7.28 -22.99
N PRO A 137 17.01 -7.19 -23.45
CA PRO A 137 17.89 -6.20 -22.84
C PRO A 137 17.41 -4.86 -23.39
N ASP A 138 16.85 -4.96 -24.60
CA ASP A 138 16.28 -3.89 -25.41
C ASP A 138 15.21 -3.10 -24.69
N MET A 139 14.48 -3.78 -23.81
CA MET A 139 13.39 -3.21 -23.00
C MET A 139 13.38 -1.70 -22.88
N LEU A 140 12.23 -1.11 -23.17
CA LEU A 140 12.09 0.33 -23.09
C LEU A 140 11.58 0.71 -21.70
N LEU A 141 12.19 1.74 -21.11
CA LEU A 141 11.81 2.24 -19.78
C LEU A 141 11.28 3.68 -19.81
N VAL A 142 10.36 3.98 -18.90
CA VAL A 142 9.77 5.31 -18.78
C VAL A 142 10.57 6.01 -17.68
N CYS A 143 11.54 6.82 -18.08
CA CYS A 143 12.43 7.50 -17.15
C CYS A 143 11.99 8.92 -16.78
N GLN A 144 11.36 9.06 -15.62
CA GLN A 144 10.89 10.36 -15.16
C GLN A 144 11.88 11.09 -14.27
N SER A 145 12.19 12.32 -14.63
CA SER A 145 13.06 13.16 -13.84
C SER A 145 12.08 13.98 -13.02
N PHE A 146 12.32 14.07 -11.72
CA PHE A 146 11.43 14.81 -10.84
C PHE A 146 12.18 15.61 -9.81
N GLU A 147 11.42 16.26 -8.94
CA GLU A 147 11.95 17.07 -7.84
C GLU A 147 10.95 17.07 -6.70
N VAL A 148 11.43 17.18 -5.47
CA VAL A 148 10.56 17.20 -4.30
C VAL A 148 9.92 18.57 -4.17
N VAL A 149 8.60 18.64 -4.10
CA VAL A 149 7.94 19.93 -3.97
C VAL A 149 7.21 20.05 -2.64
N ASP A 150 7.50 19.12 -1.74
CA ASP A 150 6.93 19.10 -0.39
C ASP A 150 7.21 17.74 0.20
N LEU A 151 7.23 17.64 1.52
CA LEU A 151 7.49 16.35 2.17
C LEU A 151 6.86 16.26 3.56
N TYR A 152 6.08 15.20 3.75
CA TYR A 152 5.36 14.92 5.00
C TYR A 152 6.11 15.27 6.28
N THR A 153 5.41 15.95 7.18
CA THR A 153 5.97 16.36 8.46
C THR A 153 4.91 16.33 9.55
N HIS A 162 -3.24 5.24 15.20
CA HIS A 162 -3.16 4.51 13.95
C HIS A 162 -3.19 3.01 14.27
N HIS A 163 -4.06 2.26 13.58
CA HIS A 163 -4.20 0.82 13.83
C HIS A 163 -3.47 -0.21 12.94
N HIS A 164 -3.43 -1.44 13.44
CA HIS A 164 -2.79 -2.57 12.76
C HIS A 164 -3.70 -3.80 12.89
N HIS A 165 -4.19 -4.30 11.76
CA HIS A 165 -5.03 -5.47 11.77
C HIS A 165 -4.23 -6.65 11.27
N HIS A 166 -4.19 -7.73 12.03
CA HIS A 166 -3.47 -8.91 11.57
C HIS A 166 -4.50 -9.93 11.12
N MET B 1 -6.48 8.28 -6.20
CA MET B 1 -6.49 7.13 -5.24
C MET B 1 -7.55 7.30 -4.16
N LEU B 2 -7.75 8.53 -3.70
CA LEU B 2 -8.77 8.84 -2.71
C LEU B 2 -10.08 8.52 -3.42
N LYS B 3 -10.13 8.91 -4.70
CA LYS B 3 -11.30 8.69 -5.54
C LYS B 3 -11.52 7.21 -5.87
N ASN B 4 -10.44 6.44 -5.96
CA ASN B 4 -10.57 5.02 -6.28
C ASN B 4 -11.46 4.37 -5.23
N VAL B 5 -11.24 4.72 -3.96
CA VAL B 5 -12.02 4.14 -2.87
C VAL B 5 -13.41 4.76 -2.89
N GLU B 6 -13.46 6.07 -3.04
CA GLU B 6 -14.74 6.77 -3.09
C GLU B 6 -15.62 6.09 -4.16
N VAL B 7 -15.01 5.77 -5.30
CA VAL B 7 -15.64 5.12 -6.46
C VAL B 7 -15.99 3.65 -6.21
N PHE B 8 -15.03 2.89 -5.69
CA PHE B 8 -15.25 1.49 -5.40
C PHE B 8 -16.49 1.36 -4.53
N TRP B 9 -16.50 2.09 -3.42
CA TRP B 9 -17.62 2.00 -2.50
C TRP B 9 -18.90 2.51 -3.13
N GLN B 10 -18.80 3.62 -3.85
CA GLN B 10 -19.94 4.21 -4.55
C GLN B 10 -20.55 3.07 -5.37
N ASN B 11 -19.75 2.48 -6.26
CA ASN B 11 -20.24 1.39 -7.06
C ASN B 11 -20.93 0.34 -6.17
N PHE B 12 -20.38 0.10 -4.98
CA PHE B 12 -20.95 -0.89 -4.07
C PHE B 12 -22.37 -0.53 -3.63
N LEU B 13 -22.59 0.72 -3.24
CA LEU B 13 -23.91 1.16 -2.78
C LEU B 13 -24.98 1.07 -3.87
N ASP B 14 -24.55 1.15 -5.12
CA ASP B 14 -25.49 1.10 -6.23
C ASP B 14 -25.98 -0.31 -6.50
N LYS B 15 -25.06 -1.27 -6.54
CA LYS B 15 -25.41 -2.66 -6.80
C LYS B 15 -26.48 -3.18 -5.88
N HIS B 16 -26.48 -2.71 -4.63
CA HIS B 16 -27.43 -3.18 -3.64
C HIS B 16 -28.43 -2.11 -3.22
N GLU B 17 -28.29 -0.92 -3.78
CA GLU B 17 -29.19 0.18 -3.46
C GLU B 17 -29.15 0.47 -1.96
N LEU B 18 -27.99 0.89 -1.49
CA LEU B 18 -27.77 1.25 -0.10
C LEU B 18 -27.20 2.66 -0.09
N ASP B 19 -27.46 3.40 1.00
CA ASP B 19 -26.91 4.74 1.12
C ASP B 19 -26.26 4.87 2.50
N MET B 20 -25.01 4.43 2.60
CA MET B 20 -24.28 4.50 3.86
C MET B 20 -23.08 5.42 3.68
N LEU B 21 -22.35 5.69 4.76
CA LEU B 21 -21.17 6.55 4.67
C LEU B 21 -19.99 5.65 4.38
N MET B 22 -18.97 6.18 3.71
CA MET B 22 -17.81 5.37 3.40
C MET B 22 -17.16 4.94 4.70
N PRO B 23 -16.86 3.65 4.83
CA PRO B 23 -16.24 3.11 6.04
C PRO B 23 -14.75 3.40 6.07
N ASP B 24 -14.07 2.87 7.07
CA ASP B 24 -12.62 3.04 7.18
C ASP B 24 -12.00 2.21 6.06
N VAL B 25 -10.85 2.63 5.57
CA VAL B 25 -10.15 1.88 4.52
C VAL B 25 -8.76 1.62 5.08
N TRP B 26 -8.24 0.42 4.90
CA TRP B 26 -6.93 0.07 5.42
C TRP B 26 -6.44 -1.21 4.80
N MET B 27 -5.14 -1.49 4.95
CA MET B 27 -4.59 -2.73 4.43
C MET B 27 -4.24 -3.56 5.66
N PHE B 28 -4.12 -4.87 5.50
CA PHE B 28 -3.80 -5.74 6.63
C PHE B 28 -2.31 -5.69 6.92
N GLY B 29 -1.95 -5.80 8.18
CA GLY B 29 -0.55 -5.81 8.54
C GLY B 29 -0.05 -4.51 9.09
N ASP B 30 1.26 -4.30 8.97
CA ASP B 30 1.94 -3.10 9.47
C ASP B 30 2.22 -2.06 8.39
N GLY B 31 1.78 -2.34 7.16
CA GLY B 31 2.01 -1.39 6.08
C GLY B 31 3.00 -1.94 5.07
N SER B 32 3.68 -3.02 5.42
CA SER B 32 4.62 -3.64 4.50
C SER B 32 3.80 -4.13 3.31
N SER B 33 4.31 -3.88 2.11
CA SER B 33 3.62 -4.33 0.91
C SER B 33 3.42 -5.85 1.00
N GLU B 34 4.52 -6.57 1.21
CA GLU B 34 4.46 -8.03 1.31
C GLU B 34 3.31 -8.49 2.21
N MET B 35 3.37 -8.13 3.48
CA MET B 35 2.34 -8.52 4.43
C MET B 35 0.98 -8.03 3.96
N GLY B 36 0.97 -6.86 3.35
CA GLY B 36 -0.28 -6.27 2.87
C GLY B 36 -0.97 -7.11 1.83
N ASN B 37 -0.18 -7.69 0.92
CA ASN B 37 -0.71 -8.53 -0.14
C ASN B 37 -0.95 -9.97 0.36
N ARG B 38 0.02 -10.51 1.10
CA ARG B 38 -0.08 -11.85 1.66
C ARG B 38 -1.42 -12.02 2.34
N LEU B 39 -1.73 -11.13 3.29
CA LEU B 39 -3.00 -11.21 3.99
C LEU B 39 -4.18 -10.81 3.10
N GLY B 40 -3.92 -9.98 2.10
CA GLY B 40 -4.98 -9.57 1.20
C GLY B 40 -5.51 -10.73 0.37
N GLN B 41 -4.61 -11.56 -0.15
CA GLN B 41 -5.04 -12.66 -0.99
C GLN B 41 -5.75 -13.68 -0.15
N LEU B 42 -5.30 -13.83 1.08
CA LEU B 42 -5.86 -14.77 2.05
C LEU B 42 -7.32 -14.44 2.34
N VAL B 43 -7.67 -13.15 2.25
CA VAL B 43 -9.02 -12.71 2.53
C VAL B 43 -9.93 -12.93 1.32
N VAL B 44 -9.50 -12.41 0.18
CA VAL B 44 -10.28 -12.53 -1.04
C VAL B 44 -10.50 -13.97 -1.46
N SER B 45 -9.51 -14.82 -1.19
CA SER B 45 -9.59 -16.24 -1.55
C SER B 45 -10.50 -17.03 -0.62
N GLY B 46 -11.00 -16.37 0.42
CA GLY B 46 -11.91 -17.03 1.33
C GLY B 46 -11.24 -17.82 2.43
N ARG B 47 -9.91 -17.75 2.50
CA ARG B 47 -9.15 -18.48 3.53
C ARG B 47 -9.07 -17.77 4.87
N LYS B 48 -8.78 -16.46 4.86
CA LYS B 48 -8.69 -15.70 6.10
C LYS B 48 -9.94 -14.88 6.31
N THR B 49 -10.76 -15.27 7.29
CA THR B 49 -12.00 -14.58 7.53
C THR B 49 -12.07 -13.87 8.88
N ALA B 50 -10.92 -13.69 9.52
CA ALA B 50 -10.86 -13.02 10.82
C ALA B 50 -9.60 -12.17 10.96
N THR B 51 -9.64 -11.25 11.91
CA THR B 51 -8.55 -10.33 12.19
C THR B 51 -8.51 -10.04 13.68
N CYS B 52 -7.48 -9.32 14.09
CA CYS B 52 -7.39 -8.95 15.48
C CYS B 52 -6.46 -7.77 15.60
N SER B 53 -6.87 -6.83 16.44
CA SER B 53 -6.11 -5.62 16.70
C SER B 53 -5.99 -5.52 18.20
N SER B 54 -5.11 -4.63 18.66
CA SER B 54 -4.88 -4.41 20.10
C SER B 54 -5.92 -3.51 20.72
N LEU B 55 -6.70 -4.04 21.65
CA LEU B 55 -7.71 -3.23 22.32
C LEU B 55 -7.04 -2.00 22.93
N ASP B 56 -5.76 -2.13 23.24
CA ASP B 56 -5.01 -1.05 23.82
C ASP B 56 -4.93 0.21 22.95
N ILE B 57 -4.59 0.06 21.67
CA ILE B 57 -4.51 1.21 20.79
C ILE B 57 -5.84 1.96 20.75
N TYR B 58 -6.95 1.24 20.73
CA TYR B 58 -8.24 1.89 20.72
C TYR B 58 -8.35 2.78 21.96
N LYS B 59 -7.98 2.22 23.09
CA LYS B 59 -8.02 2.96 24.34
C LYS B 59 -7.17 4.22 24.30
N MET B 60 -5.88 4.07 24.01
CA MET B 60 -4.97 5.21 23.95
C MET B 60 -5.32 6.16 22.81
N GLU B 61 -6.02 5.68 21.80
CA GLU B 61 -6.40 6.51 20.66
C GLU B 61 -7.84 7.00 20.80
N GLU B 62 -8.46 6.66 21.91
CA GLU B 62 -9.84 7.04 22.18
C GLU B 62 -10.77 6.84 20.98
N GLU B 63 -10.72 5.64 20.39
CA GLU B 63 -11.59 5.31 19.26
C GLU B 63 -12.58 4.24 19.68
N GLN B 64 -13.72 4.20 19.00
CA GLN B 64 -14.73 3.18 19.28
C GLN B 64 -14.19 1.88 18.67
N LEU B 65 -14.70 0.73 19.10
CA LEU B 65 -14.24 -0.53 18.54
C LEU B 65 -15.12 -0.84 17.34
N PRO B 66 -14.65 -1.70 16.45
CA PRO B 66 -15.48 -2.03 15.29
C PRO B 66 -16.84 -2.53 15.77
N LYS B 67 -17.87 -2.32 14.96
CA LYS B 67 -19.21 -2.74 15.34
C LYS B 67 -19.66 -3.93 14.51
N ALA B 68 -20.60 -4.68 15.07
CA ALA B 68 -21.15 -5.83 14.39
C ALA B 68 -21.91 -5.26 13.21
N GLY B 69 -21.68 -5.81 12.03
CA GLY B 69 -22.38 -5.35 10.84
C GLY B 69 -21.74 -4.26 10.02
N GLN B 70 -20.72 -3.60 10.55
CA GLN B 70 -20.03 -2.52 9.85
C GLN B 70 -19.24 -3.03 8.65
N TYR B 71 -18.81 -2.09 7.80
CA TYR B 71 -18.02 -2.42 6.61
C TYR B 71 -16.62 -1.80 6.66
N ASP B 72 -15.72 -2.43 5.93
CA ASP B 72 -14.35 -1.96 5.84
C ASP B 72 -13.84 -2.16 4.43
N ILE B 73 -13.33 -1.09 3.83
CA ILE B 73 -12.77 -1.19 2.50
C ILE B 73 -11.34 -1.68 2.74
N ILE B 74 -10.93 -2.74 2.04
CA ILE B 74 -9.60 -3.31 2.21
C ILE B 74 -8.62 -3.02 1.07
N LEU B 75 -7.42 -2.56 1.43
CA LEU B 75 -6.40 -2.24 0.43
C LEU B 75 -5.35 -3.33 0.42
N ASP B 76 -4.70 -3.51 -0.73
CA ASP B 76 -3.63 -4.51 -0.85
C ASP B 76 -2.29 -3.85 -0.53
N GLY B 77 -1.20 -4.59 -0.69
CA GLY B 77 0.12 -4.05 -0.39
C GLY B 77 0.45 -2.73 -1.06
N GLN B 78 -0.06 -2.51 -2.26
CA GLN B 78 0.19 -1.28 -3.00
C GLN B 78 -0.86 -0.21 -2.73
N SER B 79 -1.45 -0.26 -1.54
CA SER B 79 -2.46 0.71 -1.15
C SER B 79 -3.53 0.92 -2.22
N GLN B 80 -3.80 -0.14 -2.99
CA GLN B 80 -4.82 -0.09 -4.01
C GLN B 80 -6.03 -0.85 -3.47
N PRO B 81 -7.25 -0.37 -3.74
CA PRO B 81 -8.46 -1.04 -3.25
C PRO B 81 -8.50 -2.49 -3.67
N LEU B 82 -8.81 -3.36 -2.72
CA LEU B 82 -8.84 -4.80 -2.92
C LEU B 82 -10.25 -5.38 -2.89
N ALA B 83 -10.90 -5.29 -1.74
CA ALA B 83 -12.25 -5.80 -1.61
C ALA B 83 -12.90 -5.14 -0.42
N ILE B 84 -14.21 -5.26 -0.30
CA ILE B 84 -14.89 -4.69 0.85
C ILE B 84 -15.49 -5.86 1.65
N ILE B 85 -15.46 -5.75 2.97
CA ILE B 85 -15.94 -6.81 3.83
C ILE B 85 -16.97 -6.37 4.87
N ARG B 86 -17.73 -7.33 5.37
CA ARG B 86 -18.73 -7.04 6.39
C ARG B 86 -18.45 -7.84 7.64
N THR B 87 -18.43 -7.16 8.78
CA THR B 87 -18.18 -7.82 10.06
C THR B 87 -19.46 -8.43 10.61
N THR B 88 -19.45 -9.74 10.84
CA THR B 88 -20.62 -10.44 11.36
C THR B 88 -20.43 -10.71 12.84
N LYS B 89 -19.25 -10.42 13.37
CA LYS B 89 -18.97 -10.68 14.78
C LYS B 89 -17.78 -9.88 15.31
N VAL B 90 -17.92 -9.33 16.51
CA VAL B 90 -16.84 -8.57 17.13
C VAL B 90 -16.67 -9.19 18.51
N GLU B 91 -15.44 -9.56 18.86
CA GLU B 91 -15.22 -10.15 20.16
C GLU B 91 -13.91 -9.76 20.79
N ILE B 92 -13.95 -9.53 22.10
CA ILE B 92 -12.78 -9.15 22.88
C ILE B 92 -12.29 -10.35 23.71
N MET B 93 -11.04 -10.76 23.50
CA MET B 93 -10.48 -11.89 24.25
C MET B 93 -8.99 -11.75 24.52
N PRO B 94 -8.51 -12.27 25.66
CA PRO B 94 -7.09 -12.20 26.04
C PRO B 94 -6.28 -13.00 25.04
N MET B 95 -5.13 -12.46 24.61
CA MET B 95 -4.32 -13.15 23.63
C MET B 95 -3.94 -14.58 24.00
N ASN B 96 -3.60 -14.80 25.26
CA ASN B 96 -3.21 -16.12 25.75
C ASN B 96 -4.36 -17.10 25.86
N LYS B 97 -5.56 -16.66 25.49
CA LYS B 97 -6.77 -17.48 25.54
C LYS B 97 -7.36 -17.78 24.17
N VAL B 98 -6.67 -17.46 23.09
CA VAL B 98 -7.25 -17.72 21.77
C VAL B 98 -7.35 -19.22 21.44
N SER B 99 -8.49 -19.60 20.84
CA SER B 99 -8.75 -20.98 20.44
C SER B 99 -8.16 -21.22 19.06
N GLU B 100 -7.79 -22.46 18.76
CA GLU B 100 -7.24 -22.75 17.45
C GLU B 100 -8.32 -22.42 16.41
N SER B 101 -9.56 -22.40 16.87
CA SER B 101 -10.72 -22.07 16.04
C SER B 101 -10.51 -20.70 15.42
N PHE B 102 -10.25 -19.72 16.26
CA PHE B 102 -10.02 -18.37 15.78
C PHE B 102 -8.76 -18.28 14.93
N ALA B 103 -7.74 -19.07 15.25
CA ALA B 103 -6.50 -19.01 14.50
C ALA B 103 -6.65 -19.51 13.07
N GLN B 104 -7.46 -20.55 12.86
CA GLN B 104 -7.65 -21.08 11.51
C GLN B 104 -8.43 -20.05 10.70
N ALA B 105 -9.41 -19.42 11.36
CA ALA B 105 -10.20 -18.39 10.72
C ALA B 105 -9.27 -17.24 10.34
N GLU B 106 -8.27 -17.00 11.20
CA GLU B 106 -7.27 -15.94 11.06
C GLU B 106 -6.35 -16.12 9.85
N GLY B 107 -6.32 -17.34 9.32
CA GLY B 107 -5.48 -17.64 8.17
C GLY B 107 -4.63 -18.89 8.33
N LEU B 111 0.88 -24.19 11.13
CA LEU B 111 -0.05 -23.34 11.87
C LEU B 111 -0.44 -23.92 13.23
N THR B 112 0.45 -23.79 14.22
CA THR B 112 0.17 -24.27 15.56
C THR B 112 -0.04 -23.04 16.45
N LEU B 113 -0.73 -23.19 17.58
CA LEU B 113 -0.98 -22.02 18.45
C LEU B 113 0.29 -21.35 18.94
N ASP B 114 1.27 -22.15 19.35
CA ASP B 114 2.52 -21.59 19.84
C ASP B 114 3.11 -20.66 18.80
N TYR B 115 2.97 -21.04 17.53
CA TYR B 115 3.48 -20.22 16.44
C TYR B 115 2.56 -19.03 16.20
N TRP B 116 1.26 -19.31 16.09
CA TRP B 116 0.27 -18.28 15.87
C TRP B 116 0.51 -17.19 16.89
N TYR B 117 0.68 -17.63 18.13
CA TYR B 117 0.91 -16.72 19.23
C TYR B 117 2.23 -15.96 19.07
N GLU B 118 3.32 -16.68 18.79
CA GLU B 118 4.61 -16.01 18.61
C GLU B 118 4.51 -14.94 17.51
N GLU B 119 3.89 -15.32 16.39
CA GLU B 119 3.71 -14.40 15.28
C GLU B 119 3.06 -13.11 15.75
N HIS B 120 1.87 -13.20 16.34
CA HIS B 120 1.16 -12.03 16.80
C HIS B 120 1.85 -11.26 17.93
N ALA B 121 2.54 -11.99 18.81
CA ALA B 121 3.24 -11.36 19.91
C ALA B 121 4.17 -10.30 19.32
N ARG B 122 4.92 -10.70 18.30
CA ARG B 122 5.84 -9.80 17.62
C ARG B 122 5.11 -8.64 16.94
N PHE B 123 4.11 -8.97 16.13
CA PHE B 123 3.33 -7.97 15.42
C PHE B 123 2.89 -6.85 16.35
N PHE B 124 2.20 -7.21 17.43
CA PHE B 124 1.72 -6.20 18.38
C PHE B 124 2.86 -5.56 19.16
N LYS B 125 3.94 -6.32 19.35
CA LYS B 125 5.10 -5.79 20.07
C LYS B 125 5.49 -4.50 19.34
N GLU B 126 5.69 -4.63 18.03
CA GLU B 126 6.08 -3.50 17.21
C GLU B 126 5.01 -2.42 17.12
N GLU B 127 3.74 -2.81 17.09
CA GLU B 127 2.72 -1.78 17.00
C GLU B 127 2.58 -1.02 18.30
N LEU B 128 2.80 -1.70 19.42
CA LEU B 128 2.67 -1.05 20.72
C LEU B 128 3.80 -0.12 21.10
N ALA B 129 5.03 -0.56 20.86
CA ALA B 129 6.22 0.23 21.21
C ALA B 129 6.09 1.76 21.07
N PRO B 130 5.79 2.25 19.85
CA PRO B 130 5.65 3.70 19.64
C PRO B 130 4.74 4.44 20.63
N TYR B 131 3.84 3.71 21.29
CA TYR B 131 2.96 4.36 22.28
C TYR B 131 3.59 4.15 23.65
N GLN B 132 4.89 3.86 23.67
CA GLN B 132 5.59 3.63 24.93
C GLN B 132 4.83 2.63 25.76
N LEU B 133 4.70 1.41 25.26
CA LEU B 133 3.96 0.39 26.00
C LEU B 133 4.52 -0.98 25.66
N GLN B 134 5.06 -1.65 26.68
CA GLN B 134 5.66 -2.97 26.50
C GLN B 134 4.57 -4.03 26.38
N PHE B 135 4.72 -4.89 25.37
CA PHE B 135 3.77 -5.96 25.12
C PHE B 135 3.71 -6.95 26.27
N TYR B 136 2.53 -7.15 26.84
CA TYR B 136 2.40 -8.13 27.91
C TYR B 136 1.75 -9.38 27.31
N PRO B 137 1.89 -10.53 27.97
CA PRO B 137 1.35 -11.82 27.51
C PRO B 137 -0.16 -11.97 27.33
N ASP B 138 -0.94 -11.20 28.07
CA ASP B 138 -2.38 -11.35 27.98
C ASP B 138 -3.10 -10.06 27.62
N MET B 139 -2.49 -9.25 26.76
CA MET B 139 -3.14 -8.03 26.37
C MET B 139 -4.38 -8.43 25.61
N LEU B 140 -5.48 -7.76 25.93
CA LEU B 140 -6.77 -7.99 25.32
C LEU B 140 -6.72 -7.71 23.80
N LEU B 141 -7.37 -8.57 23.02
CA LEU B 141 -7.43 -8.41 21.56
C LEU B 141 -8.85 -8.09 21.12
N VAL B 142 -8.96 -7.35 20.03
CA VAL B 142 -10.25 -7.01 19.46
C VAL B 142 -10.38 -7.86 18.20
N CYS B 143 -11.18 -8.91 18.27
CA CYS B 143 -11.37 -9.83 17.15
C CYS B 143 -12.62 -9.60 16.31
N GLN B 144 -12.44 -9.63 14.98
CA GLN B 144 -13.53 -9.44 14.02
C GLN B 144 -13.67 -10.61 13.07
N SER B 145 -14.92 -11.03 12.86
CA SER B 145 -15.21 -12.11 11.94
C SER B 145 -16.05 -11.45 10.85
N PHE B 146 -15.52 -11.48 9.64
CA PHE B 146 -16.16 -10.84 8.50
C PHE B 146 -16.33 -11.77 7.31
N GLU B 147 -17.00 -11.26 6.28
CA GLU B 147 -17.21 -11.97 5.03
C GLU B 147 -16.92 -11.01 3.88
N VAL B 148 -16.21 -11.49 2.85
CA VAL B 148 -15.91 -10.65 1.71
C VAL B 148 -17.21 -10.41 0.98
N VAL B 149 -17.59 -9.14 0.96
CA VAL B 149 -18.84 -8.69 0.40
C VAL B 149 -18.74 -8.05 -0.99
N ASP B 150 -17.53 -7.83 -1.48
CA ASP B 150 -17.33 -7.23 -2.79
C ASP B 150 -15.83 -7.19 -3.14
N LEU B 151 -15.51 -7.45 -4.40
CA LEU B 151 -14.13 -7.41 -4.87
C LEU B 151 -13.96 -6.19 -5.76
N TYR B 152 -12.79 -5.58 -5.72
CA TYR B 152 -12.50 -4.40 -6.53
C TYR B 152 -12.08 -4.83 -7.90
N THR B 153 -13.06 -4.96 -8.80
CA THR B 153 -12.82 -5.39 -10.16
C THR B 153 -12.67 -4.20 -11.12
N GLU B 154 -12.75 -2.98 -10.58
CA GLU B 154 -12.58 -1.77 -11.40
C GLU B 154 -11.13 -1.75 -11.86
N LYS B 155 -10.32 -2.57 -11.17
CA LYS B 155 -8.89 -2.73 -11.40
C LYS B 155 -8.55 -3.25 -12.81
N GLU B 156 -9.49 -3.97 -13.42
CA GLU B 156 -9.27 -4.52 -14.76
C GLU B 156 -9.59 -3.56 -15.90
N GLU B 157 -9.90 -2.31 -15.56
CA GLU B 157 -10.24 -1.32 -16.57
C GLU B 157 -9.22 -0.20 -16.82
N GLY B 158 -8.28 -0.03 -15.88
CA GLY B 158 -7.27 1.02 -16.05
C GLY B 158 -5.96 0.54 -16.63
N GLY B 159 -5.14 -0.13 -15.81
CA GLY B 159 -3.85 -0.62 -16.27
C GLY B 159 -2.73 -0.09 -15.41
N SER B 160 -2.93 1.13 -14.90
CA SER B 160 -1.97 1.81 -14.03
C SER B 160 -2.21 1.35 -12.59
N HIS B 161 -2.42 0.04 -12.44
CA HIS B 161 -2.65 -0.53 -11.12
C HIS B 161 -1.49 -1.45 -10.76
N HIS B 162 -0.46 -0.81 -10.24
CA HIS B 162 0.78 -1.41 -9.80
C HIS B 162 1.92 -1.48 -10.80
N HIS B 163 2.76 -0.46 -10.75
CA HIS B 163 3.95 -0.34 -11.57
C HIS B 163 5.10 -0.27 -10.57
N HIS B 164 6.24 -0.87 -10.90
CA HIS B 164 7.39 -0.82 -10.01
C HIS B 164 8.28 0.34 -10.45
N HIS B 165 8.57 1.25 -9.54
CA HIS B 165 9.44 2.38 -9.85
C HIS B 165 10.78 2.13 -9.20
N HIS B 166 11.85 2.24 -9.98
CA HIS B 166 13.18 2.05 -9.43
C HIS B 166 13.84 3.40 -9.22
#